data_7CIS
#
_entry.id   7CIS
#
_cell.length_a   51.202
_cell.length_b   82.395
_cell.length_c   109.996
_cell.angle_alpha   90.000
_cell.angle_beta   90.000
_cell.angle_gamma   90.000
#
_symmetry.space_group_name_H-M   'P 21 21 21'
#
loop_
_entity.id
_entity.type
_entity.pdbx_description
1 polymer 'MHC class I antigen'
2 polymer Beta-2-microglobulin
3 polymer ARG-ARG-PHE-SEP-ARG-SEP-PRO-ILE-ARG
4 water water
#
loop_
_entity_poly.entity_id
_entity_poly.type
_entity_poly.pdbx_seq_one_letter_code
_entity_poly.pdbx_strand_id
1 'polypeptide(L)'
;GSHSMRYFHTSVSRPGRGEPRFITVGYVDDTLFVRFDSDAASPREEPRAPWIEQEGPEYWDRETQICKAKAQTDREDLRT
LLRYYNQSEAGSHTLQNMYGCDVGPDGRLLRGYHQDAYDGKDYIALNEDLSSWTAADTAAQITQRKWEAARVAEQLRAYL
EGECVEWLRRYLENGKETLQRADPPKTHVTHHPISDHEATLRCWALGFYPAEITLTWQRDGEDQTQDTELVETRPAGDRT
FQKWAAVVVPSGEEQRYTCHVQHEGLPKPLTLRWEP
;
A
2 'polypeptide(L)'
;MIQRTPKIQVYSRHPAENGKSNFLNCYVSGFHPSDIEVDLLKNGERIEKVEHSDLSFSKDWSFYLLYYTEFTPTEKDEYA
CRVNHVTLSQPKIVKWDRDM
;
B
3 'polypeptide(L)' RRF(SEP)R(SEP)PIR C
#
# COMPACT_ATOMS: atom_id res chain seq x y z
N GLY A 1 18.18 -9.81 6.18
CA GLY A 1 18.15 -9.88 4.72
C GLY A 1 18.25 -8.50 4.08
N SER A 2 17.56 -8.32 2.97
CA SER A 2 17.55 -7.03 2.30
C SER A 2 16.44 -6.16 2.83
N HIS A 3 16.62 -4.84 2.71
CA HIS A 3 15.65 -3.90 3.27
C HIS A 3 15.48 -2.71 2.34
N SER A 4 14.45 -1.92 2.62
CA SER A 4 14.11 -0.78 1.78
C SER A 4 13.55 0.34 2.64
N MET A 5 13.74 1.57 2.15
CA MET A 5 13.11 2.75 2.72
C MET A 5 12.48 3.51 1.57
N ARG A 6 11.23 3.97 1.77
CA ARG A 6 10.49 4.66 0.72
C ARG A 6 9.69 5.81 1.27
N TYR A 7 9.68 6.91 0.53
CA TYR A 7 8.78 8.02 0.82
C TYR A 7 7.78 8.16 -0.32
N PHE A 8 6.50 8.20 0.03
CA PHE A 8 5.38 8.32 -0.91
C PHE A 8 4.70 9.66 -0.70
N HIS A 9 4.35 10.33 -1.80
CA HIS A 9 3.72 11.65 -1.73
C HIS A 9 2.62 11.73 -2.76
N THR A 10 1.48 12.26 -2.36
CA THR A 10 0.34 12.50 -3.24
C THR A 10 -0.18 13.91 -3.00
N SER A 11 -0.31 14.70 -4.07
CA SER A 11 -1.07 15.95 -4.04
C SER A 11 -2.26 15.84 -4.97
N VAL A 12 -3.41 16.33 -4.51
CA VAL A 12 -4.67 16.24 -5.25
C VAL A 12 -5.31 17.62 -5.20
N SER A 13 -5.37 18.30 -6.34
CA SER A 13 -6.03 19.60 -6.38
C SER A 13 -7.54 19.43 -6.29
N ARG A 14 -8.21 20.46 -5.77
CA ARG A 14 -9.66 20.42 -5.55
C ARG A 14 -10.20 21.82 -5.80
N PRO A 15 -10.34 22.22 -7.07
CA PRO A 15 -10.67 23.61 -7.39
C PRO A 15 -11.97 24.04 -6.73
N GLY A 16 -11.94 25.23 -6.13
CA GLY A 16 -13.12 25.71 -5.43
C GLY A 16 -13.24 25.21 -4.01
N ARG A 17 -12.31 24.35 -3.57
CA ARG A 17 -12.35 23.81 -2.23
C ARG A 17 -11.00 23.93 -1.54
N GLY A 18 -10.31 25.04 -1.78
CA GLY A 18 -9.05 25.28 -1.13
C GLY A 18 -7.87 24.77 -1.93
N GLU A 19 -6.72 24.80 -1.26
CA GLU A 19 -5.46 24.40 -1.86
C GLU A 19 -5.39 22.87 -1.95
N PRO A 20 -4.52 22.35 -2.83
CA PRO A 20 -4.41 20.89 -2.99
C PRO A 20 -4.08 20.18 -1.67
N ARG A 21 -4.74 19.05 -1.47
CA ARG A 21 -4.41 18.21 -0.33
C ARG A 21 -3.08 17.49 -0.56
N PHE A 22 -2.24 17.44 0.46
CA PHE A 22 -0.92 16.82 0.40
C PHE A 22 -0.80 15.79 1.52
N ILE A 23 -0.55 14.55 1.14
CA ILE A 23 -0.38 13.46 2.09
C ILE A 23 0.90 12.74 1.72
N THR A 24 1.82 12.61 2.68
CA THR A 24 3.03 11.83 2.45
C THR A 24 3.25 10.87 3.61
N VAL A 25 3.70 9.67 3.29
CA VAL A 25 3.96 8.62 4.28
C VAL A 25 5.32 8.01 3.99
N GLY A 26 6.03 7.62 5.04
CA GLY A 26 7.33 6.98 4.92
C GLY A 26 7.26 5.56 5.45
N TYR A 27 7.97 4.65 4.77
CA TYR A 27 8.00 3.23 5.08
C TYR A 27 9.44 2.75 5.17
N VAL A 28 9.70 1.86 6.12
CA VAL A 28 10.85 0.96 6.08
C VAL A 28 10.27 -0.43 5.86
N ASP A 29 10.71 -1.12 4.79
CA ASP A 29 10.09 -2.39 4.37
C ASP A 29 8.58 -2.18 4.31
N ASP A 30 7.78 -3.04 4.94
CA ASP A 30 6.32 -2.88 4.93
C ASP A 30 5.80 -2.25 6.21
N THR A 31 6.63 -1.46 6.90
CA THR A 31 6.26 -0.83 8.17
C THR A 31 6.15 0.69 8.00
N LEU A 32 4.94 1.23 8.18
CA LEU A 32 4.75 2.69 8.17
C LEU A 32 5.42 3.33 9.39
N PHE A 33 6.23 4.36 9.17
CA PHE A 33 6.86 4.98 10.33
C PHE A 33 6.69 6.49 10.45
N VAL A 34 6.37 7.21 9.36
CA VAL A 34 6.06 8.63 9.46
C VAL A 34 4.93 9.00 8.50
N ARG A 35 4.20 10.06 8.87
CA ARG A 35 3.14 10.60 8.02
C ARG A 35 3.04 12.11 8.19
N PHE A 36 2.55 12.77 7.15
CA PHE A 36 2.23 14.19 7.14
C PHE A 36 0.98 14.37 6.31
N ASP A 37 -0.01 15.11 6.83
CA ASP A 37 -1.25 15.39 6.11
C ASP A 37 -1.52 16.88 6.15
N SER A 38 -1.54 17.53 4.98
CA SER A 38 -1.74 18.96 4.94
C SER A 38 -3.09 19.38 5.52
N ASP A 39 -4.06 18.46 5.66
CA ASP A 39 -5.37 18.81 6.19
C ASP A 39 -5.52 18.60 7.70
N ALA A 40 -4.50 18.06 8.37
CA ALA A 40 -4.52 17.95 9.83
C ALA A 40 -4.59 19.35 10.46
N ALA A 41 -5.04 19.41 11.71
CA ALA A 41 -5.33 20.70 12.33
C ALA A 41 -4.09 21.57 12.43
N SER A 42 -3.00 21.02 12.99
CA SER A 42 -1.71 21.71 13.04
C SER A 42 -0.68 20.81 12.36
N PRO A 43 -0.59 20.87 11.03
CA PRO A 43 0.14 19.84 10.26
C PRO A 43 1.61 19.73 10.66
N ARG A 44 1.98 18.56 11.14
CA ARG A 44 3.37 18.25 11.43
C ARG A 44 3.64 16.82 11.00
N GLU A 45 4.91 16.52 10.74
CA GLU A 45 5.34 15.14 10.58
C GLU A 45 5.14 14.40 11.90
N GLU A 46 4.45 13.26 11.84
CA GLU A 46 4.11 12.51 13.04
C GLU A 46 4.70 11.11 13.03
N PRO A 47 5.16 10.61 14.18
CA PRO A 47 5.63 9.22 14.23
C PRO A 47 4.48 8.24 14.10
N ARG A 48 4.78 7.09 13.46
CA ARG A 48 3.81 6.02 13.32
C ARG A 48 4.38 4.66 13.70
N ALA A 49 5.57 4.64 14.31
CA ALA A 49 6.19 3.41 14.79
C ALA A 49 6.98 3.76 16.05
N PRO A 50 7.07 2.83 17.01
CA PRO A 50 7.72 3.19 18.28
C PRO A 50 9.21 3.49 18.15
N TRP A 51 9.93 2.84 17.22
CA TRP A 51 11.36 3.05 17.15
C TRP A 51 11.75 4.38 16.51
N ILE A 52 10.79 5.13 15.96
CA ILE A 52 11.08 6.50 15.49
C ILE A 52 10.76 7.55 16.54
N GLU A 53 10.04 7.20 17.60
CA GLU A 53 9.60 8.21 18.56
C GLU A 53 10.76 8.82 19.34
N GLN A 54 11.85 8.06 19.50
CA GLN A 54 13.02 8.55 20.22
C GLN A 54 13.77 9.65 19.48
N GLU A 55 13.56 9.82 18.17
CA GLU A 55 14.21 10.92 17.49
C GLU A 55 13.77 12.23 18.17
N GLY A 56 14.68 13.19 18.23
CA GLY A 56 14.48 14.37 19.01
C GLY A 56 13.70 15.44 18.27
N PRO A 57 13.49 16.57 18.94
CA PRO A 57 12.68 17.63 18.36
C PRO A 57 13.22 18.20 17.06
N GLU A 58 14.54 18.27 16.88
CA GLU A 58 15.06 18.86 15.65
C GLU A 58 14.87 17.95 14.44
N TYR A 59 14.89 16.64 14.66
CA TYR A 59 14.45 15.69 13.65
C TYR A 59 13.04 16.03 13.16
N TRP A 60 12.09 16.12 14.09
CA TRP A 60 10.70 16.35 13.72
C TRP A 60 10.50 17.70 13.07
N ASP A 61 11.29 18.70 13.48
CA ASP A 61 11.23 20.00 12.84
C ASP A 61 11.75 19.93 11.40
N ARG A 62 12.86 19.23 11.18
CA ARG A 62 13.39 19.17 9.82
C ARG A 62 12.42 18.42 8.90
N GLU A 63 11.89 17.30 9.35
CA GLU A 63 10.98 16.52 8.52
C GLU A 63 9.70 17.29 8.24
N THR A 64 9.22 18.06 9.23
CA THR A 64 8.04 18.88 9.02
C THR A 64 8.29 19.95 7.96
N GLN A 65 9.43 20.63 8.04
CA GLN A 65 9.77 21.65 7.04
C GLN A 65 9.80 21.06 5.63
N ILE A 66 10.48 19.92 5.48
CA ILE A 66 10.61 19.31 4.15
C ILE A 66 9.23 18.98 3.59
N CYS A 67 8.37 18.37 4.41
CA CYS A 67 7.03 18.01 3.96
C CYS A 67 6.22 19.24 3.57
N LYS A 68 6.23 20.27 4.42
CA LYS A 68 5.55 21.51 4.06
C LYS A 68 6.10 22.08 2.76
N ALA A 69 7.43 22.09 2.62
CA ALA A 69 8.04 22.62 1.40
C ALA A 69 7.64 21.80 0.19
N LYS A 70 7.61 20.48 0.34
CA LYS A 70 7.18 19.64 -0.78
C LYS A 70 5.71 19.89 -1.11
N ALA A 71 4.88 20.13 -0.11
CA ALA A 71 3.50 20.52 -0.39
C ALA A 71 3.45 21.78 -1.27
N GLN A 72 4.31 22.77 -0.97
CA GLN A 72 4.29 24.01 -1.74
C GLN A 72 4.78 23.78 -3.16
N THR A 73 5.85 23.00 -3.34
CA THR A 73 6.38 22.81 -4.69
C THR A 73 5.41 21.98 -5.54
N ASP A 74 4.68 21.02 -4.94
CA ASP A 74 3.64 20.29 -5.67
C ASP A 74 2.53 21.23 -6.16
N ARG A 75 2.16 22.22 -5.35
CA ARG A 75 1.09 23.15 -5.75
C ARG A 75 1.53 23.99 -6.94
N GLU A 76 2.79 24.45 -6.93
CA GLU A 76 3.35 25.11 -8.10
C GLU A 76 3.42 24.16 -9.29
N ASP A 77 3.87 22.92 -9.08
CA ASP A 77 3.97 21.99 -10.21
C ASP A 77 2.61 21.66 -10.81
N LEU A 78 1.58 21.54 -9.96
CA LEU A 78 0.22 21.30 -10.47
C LEU A 78 -0.21 22.41 -11.43
N ARG A 79 0.08 23.67 -11.07
CA ARG A 79 -0.20 24.81 -11.95
C ARG A 79 0.63 24.73 -13.22
N THR A 80 1.93 24.44 -13.07
CA THR A 80 2.81 24.25 -14.24
C THR A 80 2.29 23.17 -15.17
N LEU A 81 1.94 22.00 -14.63
CA LEU A 81 1.51 20.91 -15.50
C LEU A 81 0.18 21.18 -16.20
N LEU A 82 -0.67 22.05 -15.64
CA LEU A 82 -1.87 22.45 -16.39
C LEU A 82 -1.49 23.14 -17.69
N ARG A 83 -0.44 23.96 -17.65
CA ARG A 83 0.06 24.58 -18.87
C ARG A 83 0.64 23.52 -19.82
N TYR A 84 1.47 22.63 -19.30
CA TYR A 84 2.18 21.68 -20.16
C TYR A 84 1.22 20.81 -20.95
N TYR A 85 0.04 20.55 -20.40
CA TYR A 85 -0.93 19.66 -21.02
C TYR A 85 -2.13 20.41 -21.60
N ASN A 86 -2.07 21.74 -21.63
CA ASN A 86 -3.14 22.59 -22.17
C ASN A 86 -4.49 22.24 -21.51
N GLN A 87 -4.52 22.26 -20.19
CA GLN A 87 -5.67 21.81 -19.43
C GLN A 87 -6.37 22.96 -18.71
N SER A 88 -7.68 22.81 -18.50
CA SER A 88 -8.48 23.80 -17.80
C SER A 88 -8.14 23.83 -16.31
N GLU A 89 -8.33 24.99 -15.70
CA GLU A 89 -8.17 25.09 -14.26
C GLU A 89 -9.34 24.50 -13.48
N ALA A 90 -10.32 23.89 -14.15
CA ALA A 90 -11.55 23.49 -13.48
C ALA A 90 -11.51 22.10 -12.88
N GLY A 91 -10.64 21.22 -13.35
CA GLY A 91 -10.65 19.84 -12.93
C GLY A 91 -9.68 19.53 -11.80
N SER A 92 -9.92 18.41 -11.13
CA SER A 92 -8.99 17.91 -10.13
C SER A 92 -7.86 17.13 -10.81
N HIS A 93 -6.62 17.35 -10.37
CA HIS A 93 -5.51 16.57 -10.90
C HIS A 93 -4.63 16.04 -9.79
N THR A 94 -3.82 15.02 -10.12
CA THR A 94 -3.04 14.29 -9.13
C THR A 94 -1.56 14.23 -9.52
N LEU A 95 -0.70 14.46 -8.53
CA LEU A 95 0.74 14.31 -8.69
C LEU A 95 1.21 13.32 -7.61
N GLN A 96 1.86 12.25 -8.03
CA GLN A 96 2.40 11.27 -7.09
C GLN A 96 3.90 11.19 -7.25
N ASN A 97 4.61 11.06 -6.13
CA ASN A 97 6.06 10.88 -6.16
C ASN A 97 6.45 9.82 -5.14
N MET A 98 7.32 8.89 -5.56
CA MET A 98 7.98 7.93 -4.66
C MET A 98 9.48 8.07 -4.84
N TYR A 99 10.22 8.03 -3.74
CA TYR A 99 11.68 7.87 -3.81
C TYR A 99 12.16 7.03 -2.64
N GLY A 100 13.38 6.51 -2.75
CA GLY A 100 13.95 5.72 -1.67
C GLY A 100 15.04 4.79 -2.15
N CYS A 101 15.47 3.92 -1.24
CA CYS A 101 16.59 3.03 -1.54
C CYS A 101 16.33 1.62 -1.05
N ASP A 102 16.94 0.65 -1.75
CA ASP A 102 17.05 -0.73 -1.33
C ASP A 102 18.49 -1.00 -0.94
N VAL A 103 18.70 -1.69 0.18
CA VAL A 103 20.03 -2.13 0.59
C VAL A 103 20.01 -3.65 0.79
N GLY A 104 21.16 -4.27 0.53
CA GLY A 104 21.31 -5.69 0.76
C GLY A 104 21.63 -6.00 2.20
N PRO A 105 21.85 -7.31 2.48
CA PRO A 105 22.07 -7.73 3.88
C PRO A 105 23.29 -7.09 4.53
N ASP A 106 24.29 -6.71 3.75
CA ASP A 106 25.44 -5.99 4.26
C ASP A 106 25.17 -4.50 4.45
N GLY A 107 23.98 -4.00 4.11
CA GLY A 107 23.68 -2.60 4.25
C GLY A 107 24.16 -1.71 3.12
N ARG A 108 24.67 -2.28 2.03
CA ARG A 108 25.12 -1.46 0.92
C ARG A 108 23.99 -1.19 -0.05
N LEU A 109 24.08 -0.08 -0.77
CA LEU A 109 23.06 0.32 -1.71
C LEU A 109 22.91 -0.70 -2.83
N LEU A 110 21.72 -1.26 -2.97
CA LEU A 110 21.38 -2.11 -4.12
C LEU A 110 20.88 -1.25 -5.28
N ARG A 111 19.89 -0.40 -5.04
CA ARG A 111 19.51 0.60 -6.02
C ARG A 111 18.67 1.68 -5.36
N GLY A 112 18.65 2.85 -6.00
CA GLY A 112 17.83 3.95 -5.58
C GLY A 112 16.70 4.23 -6.57
N TYR A 113 15.71 5.01 -6.11
CA TYR A 113 14.52 5.36 -6.87
C TYR A 113 14.15 6.82 -6.68
N HIS A 114 13.57 7.41 -7.73
CA HIS A 114 12.90 8.70 -7.64
C HIS A 114 12.06 8.84 -8.91
N GLN A 115 10.74 8.69 -8.78
CA GLN A 115 9.88 8.69 -9.95
C GLN A 115 8.53 9.32 -9.63
N ASP A 116 7.88 9.85 -10.69
CA ASP A 116 6.71 10.73 -10.65
C ASP A 116 5.61 10.15 -11.51
N ALA A 117 4.37 10.48 -11.14
CA ALA A 117 3.23 10.22 -12.01
C ALA A 117 2.26 11.40 -11.92
N TYR A 118 1.69 11.76 -13.06
CA TYR A 118 0.68 12.81 -13.16
C TYR A 118 -0.62 12.16 -13.60
N ASP A 119 -1.69 12.39 -12.83
CA ASP A 119 -2.99 11.80 -13.12
C ASP A 119 -2.87 10.29 -13.31
N GLY A 120 -2.01 9.67 -12.51
CA GLY A 120 -1.89 8.22 -12.48
C GLY A 120 -1.05 7.62 -13.59
N LYS A 121 -0.39 8.45 -14.41
CA LYS A 121 0.44 7.97 -15.49
C LYS A 121 1.88 8.41 -15.28
N ASP A 122 2.81 7.53 -15.62
CA ASP A 122 4.23 7.84 -15.49
C ASP A 122 4.56 9.16 -16.16
N TYR A 123 5.31 9.98 -15.43
CA TYR A 123 5.67 11.32 -15.86
C TYR A 123 7.18 11.41 -16.09
N ILE A 124 7.99 11.45 -15.02
CA ILE A 124 9.43 11.37 -15.17
C ILE A 124 10.01 10.49 -14.06
N ALA A 125 11.09 9.77 -14.40
CA ALA A 125 11.69 8.79 -13.50
C ALA A 125 13.21 8.90 -13.57
N LEU A 126 13.86 8.92 -12.41
CA LEU A 126 15.32 8.78 -12.36
C LEU A 126 15.70 7.36 -12.72
N ASN A 127 16.64 7.19 -13.65
CA ASN A 127 17.05 5.86 -14.06
C ASN A 127 17.94 5.23 -12.99
N GLU A 128 18.12 3.91 -13.09
CA GLU A 128 18.87 3.16 -12.09
C GLU A 128 20.31 3.65 -11.97
N ASP A 129 20.86 4.23 -13.03
CA ASP A 129 22.20 4.83 -12.95
C ASP A 129 22.27 6.02 -12.02
N LEU A 130 21.11 6.53 -11.57
CA LEU A 130 21.05 7.71 -10.69
C LEU A 130 21.73 8.91 -11.33
N SER A 131 21.69 8.99 -12.65
CA SER A 131 22.31 10.13 -13.33
C SER A 131 21.59 10.59 -14.58
N SER A 132 20.70 9.79 -15.16
CA SER A 132 19.91 10.17 -16.32
C SER A 132 18.43 9.97 -16.03
N TRP A 133 17.58 10.52 -16.90
CA TRP A 133 16.14 10.52 -16.69
C TRP A 133 15.41 9.81 -17.82
N THR A 134 14.25 9.26 -17.49
CA THR A 134 13.30 8.74 -18.48
C THR A 134 12.04 9.59 -18.40
N ALA A 135 11.77 10.37 -19.45
CA ALA A 135 10.58 11.21 -19.53
C ALA A 135 9.53 10.51 -20.40
N ALA A 136 8.28 10.51 -19.94
CA ALA A 136 7.22 9.75 -20.58
C ALA A 136 6.66 10.44 -21.81
N ASP A 137 6.77 11.75 -21.93
CA ASP A 137 6.14 12.48 -23.02
C ASP A 137 6.85 13.82 -23.18
N THR A 138 6.41 14.60 -24.18
CA THR A 138 7.08 15.87 -24.44
C THR A 138 6.88 16.88 -23.31
N ALA A 139 5.84 16.72 -22.49
CA ALA A 139 5.73 17.61 -21.32
C ALA A 139 6.79 17.26 -20.28
N ALA A 140 6.90 15.98 -19.93
CA ALA A 140 7.95 15.57 -19.00
C ALA A 140 9.35 15.83 -19.55
N GLN A 141 9.53 15.96 -20.87
CA GLN A 141 10.85 16.35 -21.39
C GLN A 141 11.19 17.77 -21.01
N ILE A 142 10.18 18.64 -20.86
CA ILE A 142 10.44 20.00 -20.39
C ILE A 142 11.01 19.95 -18.98
N THR A 143 10.37 19.18 -18.09
CA THR A 143 10.92 19.02 -16.75
C THR A 143 12.32 18.40 -16.82
N GLN A 144 12.49 17.40 -17.70
CA GLN A 144 13.79 16.75 -17.83
C GLN A 144 14.88 17.79 -18.12
N ARG A 145 14.64 18.68 -19.09
CA ARG A 145 15.62 19.70 -19.44
C ARG A 145 15.88 20.66 -18.28
N LYS A 146 14.82 21.04 -17.55
CA LYS A 146 15.00 21.83 -16.33
C LYS A 146 15.88 21.09 -15.32
N TRP A 147 15.57 19.82 -15.09
CA TRP A 147 16.26 19.10 -14.02
C TRP A 147 17.71 18.80 -14.40
N GLU A 148 17.97 18.59 -15.69
CA GLU A 148 19.36 18.44 -16.14
C GLU A 148 20.14 19.73 -15.95
N ALA A 149 19.51 20.88 -16.19
CA ALA A 149 20.21 22.16 -16.03
C ALA A 149 20.45 22.46 -14.56
N ALA A 150 19.50 22.13 -13.69
CA ALA A 150 19.74 22.29 -12.26
C ALA A 150 20.52 21.13 -11.65
N ARG A 151 20.85 20.10 -12.42
CA ARG A 151 21.65 19.00 -11.90
C ARG A 151 20.94 18.33 -10.71
N VAL A 152 19.65 18.03 -10.92
CA VAL A 152 18.86 17.41 -9.86
C VAL A 152 19.33 15.99 -9.58
N ALA A 153 19.68 15.25 -10.64
CA ALA A 153 20.08 13.86 -10.47
C ALA A 153 21.33 13.73 -9.60
N GLU A 154 22.24 14.70 -9.67
CA GLU A 154 23.43 14.64 -8.83
C GLU A 154 23.08 14.77 -7.36
N GLN A 155 22.18 15.70 -7.04
CA GLN A 155 21.72 15.83 -5.67
C GLN A 155 21.03 14.56 -5.21
N LEU A 156 20.19 13.97 -6.07
CA LEU A 156 19.50 12.75 -5.70
C LEU A 156 20.46 11.61 -5.48
N ARG A 157 21.44 11.46 -6.39
CA ARG A 157 22.43 10.40 -6.23
C ARG A 157 23.17 10.54 -4.91
N ALA A 158 23.56 11.77 -4.56
CA ALA A 158 24.24 11.99 -3.30
C ALA A 158 23.36 11.60 -2.12
N TYR A 159 22.07 11.95 -2.19
CA TYR A 159 21.17 11.58 -1.10
C TYR A 159 21.01 10.07 -1.03
N LEU A 160 20.68 9.43 -2.16
CA LEU A 160 20.31 8.02 -2.19
C LEU A 160 21.48 7.13 -1.78
N GLU A 161 22.70 7.51 -2.18
CA GLU A 161 23.89 6.75 -1.81
C GLU A 161 24.36 7.05 -0.39
N GLY A 162 24.04 8.25 0.14
CA GLY A 162 24.54 8.69 1.42
C GLY A 162 23.44 8.59 2.47
N GLU A 163 22.70 9.69 2.67
CA GLU A 163 21.75 9.77 3.78
C GLU A 163 20.72 8.65 3.76
N CYS A 164 20.18 8.33 2.58
CA CYS A 164 19.12 7.31 2.51
C CYS A 164 19.60 6.01 3.14
N VAL A 165 20.76 5.55 2.70
CA VAL A 165 21.28 4.29 3.19
C VAL A 165 21.64 4.38 4.67
N GLU A 166 22.27 5.49 5.06
CA GLU A 166 22.76 5.61 6.42
C GLU A 166 21.61 5.70 7.42
N TRP A 167 20.58 6.48 7.09
CA TRP A 167 19.46 6.57 8.02
C TRP A 167 18.63 5.29 8.01
N LEU A 168 18.56 4.60 6.87
CA LEU A 168 17.91 3.30 6.88
C LEU A 168 18.62 2.34 7.82
N ARG A 169 19.97 2.34 7.79
CA ARG A 169 20.72 1.49 8.72
C ARG A 169 20.40 1.85 10.16
N ARG A 170 20.33 3.14 10.46
CA ARG A 170 19.99 3.59 11.80
C ARG A 170 18.60 3.10 12.22
N TYR A 171 17.58 3.34 11.38
CA TYR A 171 16.24 2.86 11.69
C TYR A 171 16.22 1.35 11.88
N LEU A 172 16.95 0.61 11.03
CA LEU A 172 16.94 -0.85 11.13
C LEU A 172 17.50 -1.31 12.47
N GLU A 173 18.54 -0.63 12.96
CA GLU A 173 19.08 -0.97 14.27
C GLU A 173 18.12 -0.60 15.39
N ASN A 174 17.52 0.60 15.32
CA ASN A 174 16.65 1.05 16.41
C ASN A 174 15.36 0.24 16.49
N GLY A 175 14.85 -0.23 15.36
CA GLY A 175 13.63 -1.02 15.41
C GLY A 175 13.85 -2.48 15.11
N LYS A 176 15.02 -3.00 15.48
CA LYS A 176 15.40 -4.35 15.08
C LYS A 176 14.48 -5.39 15.70
N GLU A 177 13.86 -5.06 16.83
CA GLU A 177 12.90 -5.97 17.46
C GLU A 177 11.80 -6.35 16.49
N THR A 178 11.35 -5.40 15.67
CA THR A 178 10.28 -5.62 14.72
C THR A 178 10.75 -5.63 13.27
N LEU A 179 11.59 -4.67 12.87
CA LEU A 179 11.99 -4.59 11.45
C LEU A 179 12.85 -5.77 11.03
N GLN A 180 13.56 -6.38 11.98
CA GLN A 180 14.42 -7.51 11.69
C GLN A 180 13.85 -8.81 12.22
N ARG A 181 12.53 -8.88 12.34
CA ARG A 181 11.86 -10.11 12.74
C ARG A 181 10.83 -10.45 11.69
N ALA A 182 10.93 -11.65 11.15
CA ALA A 182 9.94 -12.17 10.22
C ALA A 182 8.91 -12.99 11.00
N ASP A 183 7.62 -12.73 10.76
CA ASP A 183 6.57 -13.50 11.41
C ASP A 183 6.00 -14.49 10.42
N PRO A 184 6.20 -15.79 10.61
CA PRO A 184 5.73 -16.76 9.62
C PRO A 184 4.22 -16.77 9.58
N PRO A 185 3.62 -17.16 8.46
CA PRO A 185 2.16 -17.24 8.41
C PRO A 185 1.65 -18.44 9.20
N LYS A 186 0.54 -18.25 9.89
CA LYS A 186 -0.27 -19.36 10.37
C LYS A 186 -1.15 -19.81 9.22
N THR A 187 -1.05 -21.09 8.84
CA THR A 187 -1.71 -21.60 7.64
C THR A 187 -2.73 -22.69 7.98
N HIS A 188 -3.85 -22.73 7.22
CA HIS A 188 -4.80 -23.84 7.26
C HIS A 188 -5.59 -23.89 5.94
N VAL A 189 -6.32 -25.00 5.75
CA VAL A 189 -7.07 -25.23 4.51
C VAL A 189 -8.53 -25.50 4.87
N THR A 190 -9.44 -24.70 4.31
CA THR A 190 -10.87 -24.87 4.50
C THR A 190 -11.52 -25.46 3.26
N HIS A 191 -12.73 -25.98 3.45
CA HIS A 191 -13.47 -26.72 2.44
C HIS A 191 -14.90 -26.19 2.42
N HIS A 192 -15.36 -25.77 1.23
CA HIS A 192 -16.65 -25.09 1.09
C HIS A 192 -17.46 -25.71 -0.04
N PRO A 193 -18.36 -26.64 0.27
CA PRO A 193 -19.12 -27.30 -0.81
C PRO A 193 -19.91 -26.29 -1.62
N ILE A 194 -19.92 -26.49 -2.94
CA ILE A 194 -20.67 -25.64 -3.86
C ILE A 194 -21.93 -26.33 -4.36
N SER A 195 -21.79 -27.58 -4.79
CA SER A 195 -22.88 -28.42 -5.29
C SER A 195 -22.49 -29.86 -5.00
N ASP A 196 -23.30 -30.82 -5.47
CA ASP A 196 -22.93 -32.22 -5.27
C ASP A 196 -21.62 -32.57 -5.95
N HIS A 197 -21.17 -31.76 -6.90
CA HIS A 197 -20.03 -32.14 -7.72
C HIS A 197 -18.79 -31.30 -7.47
N GLU A 198 -18.89 -30.23 -6.70
CA GLU A 198 -17.81 -29.27 -6.60
C GLU A 198 -17.70 -28.76 -5.17
N ALA A 199 -16.46 -28.49 -4.77
CA ALA A 199 -16.18 -27.85 -3.50
C ALA A 199 -15.03 -26.87 -3.69
N THR A 200 -14.99 -25.85 -2.85
CA THR A 200 -13.88 -24.90 -2.84
C THR A 200 -12.88 -25.28 -1.77
N LEU A 201 -11.62 -25.42 -2.16
CA LEU A 201 -10.52 -25.52 -1.20
C LEU A 201 -9.87 -24.15 -1.13
N ARG A 202 -9.79 -23.61 0.09
CA ARG A 202 -9.22 -22.29 0.31
C ARG A 202 -8.03 -22.46 1.24
N CYS A 203 -6.87 -22.02 0.78
CA CYS A 203 -5.64 -22.10 1.58
C CYS A 203 -5.39 -20.72 2.19
N TRP A 204 -5.27 -20.68 3.51
CA TRP A 204 -5.16 -19.42 4.25
C TRP A 204 -3.73 -19.18 4.74
N ALA A 205 -3.28 -17.93 4.65
CA ALA A 205 -2.07 -17.48 5.33
C ALA A 205 -2.42 -16.25 6.14
N LEU A 206 -2.18 -16.30 7.45
CA LEU A 206 -2.62 -15.26 8.37
C LEU A 206 -1.45 -14.80 9.25
N GLY A 207 -1.48 -13.53 9.63
CA GLY A 207 -0.58 -13.00 10.63
C GLY A 207 0.89 -12.96 10.25
N PHE A 208 1.23 -12.77 8.98
CA PHE A 208 2.63 -12.84 8.59
C PHE A 208 3.22 -11.46 8.32
N TYR A 209 4.56 -11.40 8.39
CA TYR A 209 5.33 -10.20 8.14
C TYR A 209 6.72 -10.66 7.72
N PRO A 210 7.31 -10.10 6.65
CA PRO A 210 6.73 -9.04 5.81
C PRO A 210 5.63 -9.53 4.85
N ALA A 211 5.14 -8.65 3.98
CA ALA A 211 3.98 -8.97 3.14
C ALA A 211 4.31 -9.99 2.05
N GLU A 212 5.56 -10.05 1.61
CA GLU A 212 5.94 -10.95 0.52
C GLU A 212 5.68 -12.41 0.87
N ILE A 213 4.97 -13.13 -0.01
CA ILE A 213 4.56 -14.50 0.26
C ILE A 213 4.16 -15.15 -1.06
N THR A 214 4.24 -16.47 -1.12
CA THR A 214 3.79 -17.24 -2.28
C THR A 214 2.84 -18.35 -1.83
N LEU A 215 1.63 -18.32 -2.37
CA LEU A 215 0.62 -19.36 -2.15
C LEU A 215 0.24 -19.95 -3.50
N THR A 216 0.35 -21.26 -3.63
CA THR A 216 0.01 -21.91 -4.89
C THR A 216 -0.72 -23.21 -4.58
N TRP A 217 -1.70 -23.53 -5.42
CA TRP A 217 -2.36 -24.83 -5.42
C TRP A 217 -1.77 -25.67 -6.55
N GLN A 218 -1.51 -26.94 -6.26
CA GLN A 218 -1.12 -27.91 -7.27
C GLN A 218 -2.15 -29.02 -7.37
N ARG A 219 -2.37 -29.52 -8.58
CA ARG A 219 -3.18 -30.70 -8.81
C ARG A 219 -2.31 -31.76 -9.48
N ASP A 220 -2.09 -32.86 -8.77
CA ASP A 220 -1.15 -33.90 -9.21
C ASP A 220 0.22 -33.30 -9.47
N GLY A 221 0.62 -32.37 -8.60
CA GLY A 221 1.91 -31.71 -8.67
C GLY A 221 2.04 -30.66 -9.75
N GLU A 222 0.97 -30.33 -10.46
CA GLU A 222 0.99 -29.33 -11.51
C GLU A 222 0.28 -28.06 -11.04
N ASP A 223 0.96 -26.92 -11.21
CA ASP A 223 0.45 -25.67 -10.68
C ASP A 223 -0.88 -25.30 -11.35
N GLN A 224 -1.87 -24.98 -10.53
CA GLN A 224 -3.20 -24.64 -11.00
C GLN A 224 -3.35 -23.15 -11.29
N THR A 225 -2.32 -22.53 -11.85
CA THR A 225 -2.26 -21.08 -11.93
C THR A 225 -3.52 -20.49 -12.54
N GLN A 226 -3.98 -21.06 -13.67
CA GLN A 226 -5.12 -20.48 -14.36
C GLN A 226 -6.43 -20.67 -13.60
N ASP A 227 -6.55 -21.68 -12.74
CA ASP A 227 -7.80 -21.95 -12.04
C ASP A 227 -7.75 -21.58 -10.56
N THR A 228 -6.73 -20.86 -10.11
CA THR A 228 -6.60 -20.48 -8.71
C THR A 228 -7.07 -19.04 -8.52
N GLU A 229 -7.98 -18.85 -7.57
CA GLU A 229 -8.38 -17.51 -7.14
C GLU A 229 -7.43 -17.05 -6.05
N LEU A 230 -6.68 -15.99 -6.32
CA LEU A 230 -5.67 -15.46 -5.42
C LEU A 230 -6.07 -14.04 -5.04
N VAL A 231 -6.45 -13.80 -3.77
CA VAL A 231 -6.79 -12.44 -3.38
C VAL A 231 -5.50 -11.66 -3.15
N GLU A 232 -5.59 -10.33 -3.33
CA GLU A 232 -4.48 -9.45 -3.00
C GLU A 232 -4.12 -9.59 -1.53
N THR A 233 -2.82 -9.61 -1.26
CA THR A 233 -2.33 -9.60 0.11
C THR A 233 -2.87 -8.35 0.80
N ARG A 234 -3.38 -8.51 2.01
CA ARG A 234 -4.15 -7.44 2.64
C ARG A 234 -3.69 -7.22 4.08
N PRO A 235 -3.78 -5.98 4.57
CA PRO A 235 -3.28 -5.70 5.93
C PRO A 235 -4.30 -6.12 6.98
N ALA A 236 -3.82 -6.83 8.01
CA ALA A 236 -4.67 -7.20 9.14
C ALA A 236 -4.96 -5.99 10.01
N GLY A 237 -4.07 -5.00 10.02
CA GLY A 237 -4.21 -3.83 10.86
C GLY A 237 -3.31 -3.82 12.07
N ASP A 238 -2.62 -4.91 12.35
CA ASP A 238 -1.72 -5.01 13.49
C ASP A 238 -0.27 -5.17 13.06
N ARG A 239 0.10 -4.68 11.87
CA ARG A 239 1.40 -4.83 11.22
C ARG A 239 1.45 -6.08 10.36
N THR A 240 0.59 -7.05 10.59
CA THR A 240 0.69 -8.30 9.83
C THR A 240 -0.24 -8.29 8.62
N PHE A 241 -0.10 -9.32 7.79
CA PHE A 241 -0.81 -9.39 6.52
C PHE A 241 -1.55 -10.72 6.41
N GLN A 242 -2.48 -10.76 5.46
CA GLN A 242 -3.29 -11.93 5.21
C GLN A 242 -3.35 -12.17 3.71
N LYS A 243 -3.54 -13.42 3.33
CA LYS A 243 -3.76 -13.77 1.92
C LYS A 243 -4.42 -15.14 1.89
N TRP A 244 -5.21 -15.39 0.84
CA TRP A 244 -5.63 -16.77 0.59
C TRP A 244 -5.60 -17.10 -0.89
N ALA A 245 -5.55 -18.39 -1.16
CA ALA A 245 -5.63 -18.94 -2.51
C ALA A 245 -6.72 -20.01 -2.51
N ALA A 246 -7.51 -20.07 -3.58
CA ALA A 246 -8.62 -21.02 -3.61
C ALA A 246 -8.73 -21.68 -4.99
N VAL A 247 -9.17 -22.94 -4.97
CA VAL A 247 -9.47 -23.71 -6.17
C VAL A 247 -10.82 -24.38 -6.00
N VAL A 248 -11.53 -24.55 -7.11
CA VAL A 248 -12.77 -25.30 -7.15
C VAL A 248 -12.42 -26.72 -7.59
N VAL A 249 -12.78 -27.70 -6.77
CA VAL A 249 -12.27 -29.05 -6.89
C VAL A 249 -13.43 -30.01 -7.10
N PRO A 250 -13.31 -30.98 -8.01
CA PRO A 250 -14.35 -32.01 -8.12
C PRO A 250 -14.41 -32.81 -6.83
N SER A 251 -15.62 -33.01 -6.31
CA SER A 251 -15.78 -33.75 -5.07
C SER A 251 -15.20 -35.15 -5.23
N GLY A 252 -14.47 -35.60 -4.23
CA GLY A 252 -13.73 -36.84 -4.31
C GLY A 252 -12.29 -36.70 -4.77
N GLU A 253 -11.91 -35.57 -5.34
CA GLU A 253 -10.55 -35.36 -5.82
C GLU A 253 -9.70 -34.50 -4.88
N GLU A 254 -10.18 -34.24 -3.66
CA GLU A 254 -9.53 -33.28 -2.76
C GLU A 254 -8.06 -33.60 -2.55
N GLN A 255 -7.71 -34.88 -2.47
CA GLN A 255 -6.37 -35.28 -2.08
C GLN A 255 -5.35 -35.14 -3.19
N ARG A 256 -5.78 -34.93 -4.43
CA ARG A 256 -4.85 -34.63 -5.51
C ARG A 256 -4.38 -33.18 -5.50
N TYR A 257 -4.87 -32.37 -4.55
CA TYR A 257 -4.59 -30.95 -4.46
C TYR A 257 -3.71 -30.66 -3.26
N THR A 258 -2.63 -29.92 -3.48
CA THR A 258 -1.72 -29.52 -2.42
C THR A 258 -1.52 -28.02 -2.46
N CYS A 259 -1.53 -27.40 -1.29
CA CYS A 259 -1.24 -25.99 -1.15
C CYS A 259 0.20 -25.78 -0.70
N HIS A 260 0.90 -24.84 -1.34
CA HIS A 260 2.31 -24.63 -1.10
C HIS A 260 2.54 -23.19 -0.65
N VAL A 261 3.26 -23.04 0.46
CA VAL A 261 3.44 -21.75 1.13
C VAL A 261 4.92 -21.45 1.24
N GLN A 262 5.37 -20.41 0.54
CA GLN A 262 6.73 -19.89 0.69
C GLN A 262 6.65 -18.55 1.40
N HIS A 263 7.45 -18.40 2.45
CA HIS A 263 7.57 -17.15 3.16
C HIS A 263 8.94 -17.12 3.83
N GLU A 264 9.55 -15.94 3.87
CA GLU A 264 10.90 -15.82 4.42
C GLU A 264 10.95 -16.19 5.91
N GLY A 265 9.82 -16.13 6.61
CA GLY A 265 9.76 -16.61 7.98
C GLY A 265 9.62 -18.11 8.13
N LEU A 266 9.65 -18.87 7.02
CA LEU A 266 9.52 -20.32 7.05
C LEU A 266 10.84 -20.97 6.68
N PRO A 267 11.41 -21.82 7.54
CA PRO A 267 12.66 -22.51 7.17
C PRO A 267 12.54 -23.33 5.89
N LYS A 268 11.46 -24.10 5.77
CA LYS A 268 11.16 -24.86 4.58
C LYS A 268 9.83 -24.40 4.00
N PRO A 269 9.72 -24.30 2.68
CA PRO A 269 8.40 -24.08 2.08
C PRO A 269 7.44 -25.15 2.56
N LEU A 270 6.21 -24.76 2.85
CA LEU A 270 5.25 -25.66 3.45
C LEU A 270 4.37 -26.30 2.37
N THR A 271 3.90 -27.50 2.69
CA THR A 271 2.95 -28.21 1.87
C THR A 271 1.81 -28.59 2.79
N LEU A 272 0.57 -28.29 2.39
CA LEU A 272 -0.55 -28.71 3.23
C LEU A 272 -1.72 -29.09 2.35
N ARG A 273 -2.56 -29.95 2.93
CA ARG A 273 -3.70 -30.55 2.24
C ARG A 273 -4.92 -30.38 3.11
N TRP A 274 -6.07 -30.54 2.49
CA TRP A 274 -7.35 -30.52 3.20
C TRP A 274 -7.44 -31.70 4.16
N GLU A 275 -7.67 -31.41 5.44
CA GLU A 275 -7.69 -32.42 6.50
C GLU A 275 -9.10 -32.51 7.07
N PRO A 276 -9.95 -33.42 6.58
CA PRO A 276 -11.36 -33.54 6.94
C PRO A 276 -11.54 -33.76 8.44
N MET B 1 -9.49 11.10 -18.31
CA MET B 1 -8.18 10.55 -18.00
C MET B 1 -8.29 9.03 -17.80
N ILE B 2 -7.30 8.43 -17.14
CA ILE B 2 -7.38 7.01 -16.78
C ILE B 2 -8.10 6.89 -15.45
N GLN B 3 -8.99 5.92 -15.37
CA GLN B 3 -9.75 5.65 -14.16
C GLN B 3 -9.73 4.16 -13.91
N ARG B 4 -9.57 3.80 -12.65
CA ARG B 4 -9.44 2.39 -12.27
C ARG B 4 -10.35 2.14 -11.08
N THR B 5 -11.17 1.13 -11.19
CA THR B 5 -12.16 0.91 -10.17
C THR B 5 -11.55 0.15 -8.98
N PRO B 6 -12.00 0.44 -7.76
CA PRO B 6 -11.40 -0.17 -6.58
C PRO B 6 -11.74 -1.64 -6.41
N LYS B 7 -10.73 -2.43 -6.07
CA LYS B 7 -10.96 -3.73 -5.48
C LYS B 7 -11.38 -3.56 -4.02
N ILE B 8 -12.18 -4.50 -3.53
CA ILE B 8 -12.76 -4.40 -2.20
C ILE B 8 -12.67 -5.77 -1.54
N GLN B 9 -12.09 -5.80 -0.34
CA GLN B 9 -12.11 -6.97 0.54
C GLN B 9 -12.60 -6.49 1.91
N VAL B 10 -13.50 -7.26 2.52
CA VAL B 10 -13.92 -7.00 3.88
C VAL B 10 -13.76 -8.29 4.69
N TYR B 11 -13.20 -8.16 5.87
CA TYR B 11 -12.63 -9.27 6.62
C TYR B 11 -12.30 -8.76 8.01
N SER B 12 -12.03 -9.69 8.92
CA SER B 12 -11.68 -9.35 10.29
C SER B 12 -10.17 -9.48 10.50
N ARG B 13 -9.68 -8.78 11.51
CA ARG B 13 -8.26 -8.89 11.85
C ARG B 13 -7.91 -10.29 12.34
N HIS B 14 -8.74 -10.86 13.19
CA HIS B 14 -8.57 -12.17 13.78
C HIS B 14 -9.70 -13.07 13.32
N PRO B 15 -9.52 -14.40 13.37
CA PRO B 15 -10.65 -15.29 13.06
C PRO B 15 -11.88 -14.92 13.88
N ALA B 16 -13.04 -14.95 13.24
CA ALA B 16 -14.25 -14.48 13.90
C ALA B 16 -14.72 -15.52 14.91
N GLU B 17 -15.04 -15.06 16.12
CA GLU B 17 -15.56 -15.91 17.18
C GLU B 17 -16.69 -15.13 17.86
N ASN B 18 -17.93 -15.59 17.67
CA ASN B 18 -19.09 -14.82 18.10
C ASN B 18 -18.99 -14.43 19.58
N GLY B 19 -19.35 -13.17 19.87
CA GLY B 19 -19.25 -12.65 21.21
C GLY B 19 -17.87 -12.15 21.62
N LYS B 20 -16.85 -12.34 20.80
CA LYS B 20 -15.49 -11.94 21.12
C LYS B 20 -15.06 -10.78 20.25
N SER B 21 -14.46 -9.76 20.87
CA SER B 21 -14.16 -8.50 20.19
C SER B 21 -13.08 -8.69 19.13
N ASN B 22 -13.18 -7.91 18.05
CA ASN B 22 -12.34 -8.09 16.88
C ASN B 22 -12.17 -6.71 16.21
N PHE B 23 -11.65 -6.70 14.99
CA PHE B 23 -11.63 -5.51 14.17
C PHE B 23 -12.21 -5.87 12.81
N LEU B 24 -13.11 -5.05 12.33
CA LEU B 24 -13.69 -5.21 11.00
C LEU B 24 -12.92 -4.32 10.03
N ASN B 25 -12.44 -4.89 8.92
CA ASN B 25 -11.57 -4.21 7.97
C ASN B 25 -12.25 -4.14 6.61
N CYS B 26 -12.16 -2.97 5.98
CA CYS B 26 -12.47 -2.82 4.56
C CYS B 26 -11.25 -2.22 3.87
N TYR B 27 -10.64 -3.00 2.97
CA TYR B 27 -9.41 -2.64 2.27
C TYR B 27 -9.77 -2.36 0.81
N VAL B 28 -9.62 -1.11 0.39
CA VAL B 28 -9.90 -0.71 -0.98
C VAL B 28 -8.57 -0.43 -1.65
N SER B 29 -8.39 -0.96 -2.87
CA SER B 29 -7.10 -0.87 -3.52
C SER B 29 -7.30 -0.85 -5.03
N GLY B 30 -6.22 -0.52 -5.74
CA GLY B 30 -6.24 -0.57 -7.17
C GLY B 30 -6.93 0.60 -7.84
N PHE B 31 -7.37 1.60 -7.08
CA PHE B 31 -8.22 2.63 -7.65
C PHE B 31 -7.44 3.90 -8.00
N HIS B 32 -8.03 4.67 -8.94
CA HIS B 32 -7.55 5.98 -9.38
C HIS B 32 -8.71 6.69 -10.07
N PRO B 33 -8.99 7.97 -9.74
CA PRO B 33 -8.28 8.85 -8.81
C PRO B 33 -8.50 8.51 -7.34
N SER B 34 -7.92 9.31 -6.45
CA SER B 34 -7.88 8.95 -5.03
C SER B 34 -9.18 9.24 -4.28
N ASP B 35 -10.04 10.12 -4.79
CA ASP B 35 -11.30 10.41 -4.11
C ASP B 35 -12.16 9.16 -4.01
N ILE B 36 -12.62 8.85 -2.80
CA ILE B 36 -13.39 7.64 -2.57
C ILE B 36 -14.18 7.81 -1.28
N GLU B 37 -15.35 7.17 -1.21
CA GLU B 37 -16.16 7.15 0.00
C GLU B 37 -16.32 5.70 0.43
N VAL B 38 -16.02 5.43 1.69
CA VAL B 38 -16.03 4.08 2.22
C VAL B 38 -16.77 4.12 3.56
N ASP B 39 -17.84 3.32 3.68
CA ASP B 39 -18.58 3.17 4.93
C ASP B 39 -18.61 1.70 5.35
N LEU B 40 -18.47 1.48 6.65
CA LEU B 40 -18.71 0.18 7.27
C LEU B 40 -20.14 0.16 7.80
N LEU B 41 -20.89 -0.89 7.45
CA LEU B 41 -22.31 -1.02 7.74
C LEU B 41 -22.56 -2.14 8.76
N LYS B 42 -23.39 -1.86 9.75
CA LYS B 42 -23.88 -2.86 10.69
C LYS B 42 -25.39 -2.99 10.49
N ASN B 43 -25.81 -4.13 9.94
CA ASN B 43 -27.23 -4.39 9.66
C ASN B 43 -27.83 -3.28 8.79
N GLY B 44 -27.08 -2.90 7.75
CA GLY B 44 -27.53 -1.90 6.80
C GLY B 44 -27.29 -0.46 7.20
N GLU B 45 -26.92 -0.18 8.45
CA GLU B 45 -26.76 1.17 8.93
C GLU B 45 -25.29 1.50 9.14
N ARG B 46 -24.95 2.78 8.99
CA ARG B 46 -23.57 3.23 8.95
C ARG B 46 -22.95 3.26 10.35
N ILE B 47 -21.83 2.57 10.52
CA ILE B 47 -21.10 2.60 11.78
C ILE B 47 -20.38 3.94 11.91
N GLU B 48 -20.36 4.49 13.11
CA GLU B 48 -19.94 5.88 13.27
C GLU B 48 -18.45 6.05 13.53
N LYS B 49 -17.84 5.18 14.32
CA LYS B 49 -16.46 5.38 14.73
C LYS B 49 -15.57 4.51 13.85
N VAL B 50 -15.33 4.98 12.62
CA VAL B 50 -14.49 4.28 11.66
C VAL B 50 -13.25 5.12 11.40
N GLU B 51 -12.09 4.50 11.53
CA GLU B 51 -10.81 5.13 11.22
C GLU B 51 -10.30 4.63 9.87
N HIS B 52 -9.26 5.29 9.35
CA HIS B 52 -8.68 4.83 8.11
C HIS B 52 -7.20 5.21 8.04
N SER B 53 -6.45 4.42 7.26
CA SER B 53 -5.03 4.63 7.05
C SER B 53 -4.81 5.88 6.19
N ASP B 54 -3.56 6.35 6.15
CA ASP B 54 -3.23 7.48 5.30
C ASP B 54 -3.03 7.01 3.86
N LEU B 55 -3.49 7.84 2.93
CA LEU B 55 -3.42 7.55 1.50
C LEU B 55 -2.00 7.16 1.07
N SER B 56 -1.86 5.98 0.48
CA SER B 56 -0.61 5.59 -0.17
C SER B 56 -0.97 4.88 -1.46
N PHE B 57 0.04 4.35 -2.15
CA PHE B 57 -0.19 3.79 -3.48
C PHE B 57 0.86 2.73 -3.79
N SER B 58 0.50 1.85 -4.73
CA SER B 58 1.31 0.71 -5.12
C SER B 58 2.23 1.06 -6.28
N LYS B 59 2.99 0.05 -6.73
CA LYS B 59 4.01 0.28 -7.75
C LYS B 59 3.41 0.81 -9.05
N ASP B 60 2.15 0.45 -9.34
CA ASP B 60 1.46 0.92 -10.54
C ASP B 60 0.73 2.24 -10.32
N TRP B 61 1.02 2.95 -9.23
CA TRP B 61 0.45 4.24 -8.85
C TRP B 61 -1.00 4.19 -8.40
N SER B 62 -1.66 3.04 -8.44
CA SER B 62 -3.02 2.99 -7.93
C SER B 62 -3.02 3.06 -6.41
N PHE B 63 -4.08 3.64 -5.85
CA PHE B 63 -4.15 3.96 -4.42
C PHE B 63 -4.71 2.79 -3.63
N TYR B 64 -4.40 2.77 -2.32
CA TYR B 64 -5.04 1.85 -1.41
C TYR B 64 -5.27 2.51 -0.05
N LEU B 65 -6.32 2.04 0.63
CA LEU B 65 -6.73 2.55 1.93
C LEU B 65 -7.29 1.40 2.75
N LEU B 66 -7.02 1.41 4.05
CA LEU B 66 -7.67 0.51 4.99
C LEU B 66 -8.59 1.32 5.89
N TYR B 67 -9.87 0.97 5.88
CA TYR B 67 -10.86 1.46 6.84
C TYR B 67 -11.16 0.38 7.85
N TYR B 68 -11.27 0.75 9.12
CA TYR B 68 -11.36 -0.27 10.16
C TYR B 68 -12.11 0.25 11.37
N THR B 69 -12.74 -0.68 12.09
CA THR B 69 -13.39 -0.38 13.36
C THR B 69 -13.42 -1.63 14.22
N GLU B 70 -13.26 -1.42 15.53
CA GLU B 70 -13.50 -2.50 16.48
C GLU B 70 -14.94 -2.95 16.31
N PHE B 71 -15.16 -4.26 16.44
CA PHE B 71 -16.53 -4.78 16.48
C PHE B 71 -16.52 -6.11 17.21
N THR B 72 -17.71 -6.55 17.61
CA THR B 72 -17.89 -7.87 18.20
C THR B 72 -18.92 -8.65 17.40
N PRO B 73 -18.50 -9.65 16.63
CA PRO B 73 -19.46 -10.34 15.76
C PRO B 73 -20.40 -11.23 16.55
N THR B 74 -21.57 -11.45 15.95
CA THR B 74 -22.59 -12.35 16.46
C THR B 74 -23.04 -13.25 15.31
N GLU B 75 -23.88 -14.22 15.63
CA GLU B 75 -24.38 -15.10 14.57
C GLU B 75 -25.34 -14.38 13.65
N LYS B 76 -26.01 -13.33 14.14
CA LYS B 76 -27.10 -12.70 13.41
C LYS B 76 -26.74 -11.35 12.79
N ASP B 77 -25.80 -10.61 13.36
CA ASP B 77 -25.49 -9.27 12.84
C ASP B 77 -24.83 -9.37 11.48
N GLU B 78 -25.34 -8.60 10.52
CA GLU B 78 -24.74 -8.52 9.19
C GLU B 78 -23.85 -7.29 9.13
N TYR B 79 -22.63 -7.48 8.65
CA TYR B 79 -21.71 -6.38 8.44
C TYR B 79 -21.37 -6.29 6.96
N ALA B 80 -21.01 -5.09 6.51
CA ALA B 80 -20.75 -4.88 5.10
C ALA B 80 -19.89 -3.64 4.94
N CYS B 81 -19.37 -3.47 3.72
CA CYS B 81 -18.61 -2.30 3.35
C CYS B 81 -19.26 -1.68 2.13
N ARG B 82 -19.51 -0.37 2.18
CA ARG B 82 -20.11 0.36 1.05
C ARG B 82 -19.09 1.32 0.47
N VAL B 83 -18.82 1.20 -0.82
CA VAL B 83 -17.78 1.99 -1.49
C VAL B 83 -18.40 2.75 -2.65
N ASN B 84 -18.14 4.06 -2.72
CA ASN B 84 -18.46 4.86 -3.89
C ASN B 84 -17.21 5.52 -4.47
N HIS B 85 -17.15 5.58 -5.80
CA HIS B 85 -15.99 6.04 -6.56
C HIS B 85 -16.49 6.52 -7.91
N VAL B 86 -15.73 7.40 -8.56
CA VAL B 86 -16.19 7.97 -9.83
C VAL B 86 -16.47 6.87 -10.86
N THR B 87 -15.80 5.72 -10.75
CA THR B 87 -16.00 4.63 -11.71
C THR B 87 -17.28 3.83 -11.48
N LEU B 88 -18.02 4.10 -10.41
CA LEU B 88 -19.17 3.30 -10.03
C LEU B 88 -20.47 4.06 -10.33
N SER B 89 -21.31 3.50 -11.19
CA SER B 89 -22.63 4.08 -11.45
C SER B 89 -23.49 4.13 -10.20
N GLN B 90 -23.24 3.27 -9.23
CA GLN B 90 -23.96 3.27 -7.96
C GLN B 90 -23.05 2.68 -6.89
N PRO B 91 -23.31 2.97 -5.61
CA PRO B 91 -22.44 2.44 -4.55
C PRO B 91 -22.43 0.92 -4.54
N LYS B 92 -21.22 0.36 -4.35
CA LYS B 92 -21.04 -1.09 -4.29
C LYS B 92 -20.99 -1.53 -2.83
N ILE B 93 -21.79 -2.53 -2.47
CA ILE B 93 -21.82 -3.07 -1.13
C ILE B 93 -21.24 -4.46 -1.17
N VAL B 94 -20.24 -4.71 -0.33
CA VAL B 94 -19.63 -6.02 -0.21
C VAL B 94 -19.89 -6.51 1.20
N LYS B 95 -20.56 -7.65 1.32
CA LYS B 95 -20.94 -8.17 2.62
C LYS B 95 -19.74 -8.83 3.29
N TRP B 96 -19.68 -8.73 4.62
CA TRP B 96 -18.65 -9.45 5.34
C TRP B 96 -18.99 -10.93 5.36
N ASP B 97 -18.12 -11.72 4.75
CA ASP B 97 -18.20 -13.18 4.74
C ASP B 97 -17.04 -13.69 5.60
N ARG B 98 -17.36 -14.27 6.77
CA ARG B 98 -16.31 -14.70 7.67
C ARG B 98 -15.44 -15.80 7.07
N ASP B 99 -15.83 -16.39 5.95
CA ASP B 99 -15.04 -17.38 5.23
C ASP B 99 -14.23 -16.79 4.09
N MET B 100 -14.08 -15.47 4.04
CA MET B 100 -13.32 -14.86 2.96
C MET B 100 -12.44 -13.69 3.44
N ARG C 1 15.49 9.43 6.85
CA ARG C 1 14.94 10.78 6.82
C ARG C 1 14.89 11.31 5.38
N ARG C 2 14.22 12.43 5.19
CA ARG C 2 13.79 12.84 3.86
C ARG C 2 14.90 13.55 3.08
N PHE C 3 14.75 13.52 1.76
CA PHE C 3 15.48 14.37 0.82
C PHE C 3 15.03 15.83 0.97
N SEP C 4 15.98 16.75 1.09
CA SEP C 4 15.64 18.15 1.40
CB SEP C 4 16.66 18.72 2.37
OG SEP C 4 17.92 18.76 1.72
C SEP C 4 15.54 19.08 0.18
O SEP C 4 14.86 20.11 0.26
P SEP C 4 19.09 19.40 2.62
O1P SEP C 4 18.64 20.84 3.17
O2P SEP C 4 19.40 18.42 3.86
O3P SEP C 4 20.38 19.51 1.66
N ARG C 5 16.21 18.75 -0.92
CA ARG C 5 16.18 19.67 -2.06
C ARG C 5 14.83 19.67 -2.75
N SEP C 6 14.50 20.79 -3.37
CA SEP C 6 13.14 21.06 -3.81
CB SEP C 6 12.51 22.14 -2.92
OG SEP C 6 13.42 23.24 -2.81
C SEP C 6 13.06 21.49 -5.27
O SEP C 6 12.72 22.64 -5.57
P SEP C 6 12.91 24.41 -1.83
O1P SEP C 6 14.09 25.48 -1.62
O2P SEP C 6 12.51 23.75 -0.40
O3P SEP C 6 11.62 25.13 -2.49
N PRO C 7 13.36 20.56 -6.20
CA PRO C 7 13.30 20.93 -7.61
C PRO C 7 11.86 21.17 -8.05
N ILE C 8 11.63 22.17 -8.90
CA ILE C 8 10.30 22.37 -9.46
C ILE C 8 10.25 21.74 -10.85
N ARG C 9 9.06 21.31 -11.24
CA ARG C 9 8.84 20.63 -12.51
C ARG C 9 8.77 21.62 -13.68
#